data_2BC9
#
_entry.id   2BC9
#
_cell.length_a   54.884
_cell.length_b   101.104
_cell.length_c   149.261
_cell.angle_alpha   90.00
_cell.angle_beta   90.00
_cell.angle_gamma   90.00
#
_symmetry.space_group_name_H-M   'I 21 21 21'
#
loop_
_entity.id
_entity.type
_entity.pdbx_description
1 polymer 'Interferon-induced guanylate-binding protein 1'
2 non-polymer 'MAGNESIUM ION'
3 non-polymer 'PHOSPHOAMINOPHOSPHONIC ACID-GUANYLATE ESTER'
4 water water
#
_entity_poly.entity_id   1
_entity_poly.type   'polypeptide(L)'
_entity_poly.pdbx_seq_one_letter_code
;MHHHHHHMRGSMASEIHMTGPMCLIENTNGRLMANPEALKILSAITQPMVVVAIVGLYRTGKSYLMNKLAGKKKGFSLGS
TVQSHTKGIWMWCVPHPKKPGHILVLLDTEGLGDVEKGDNQNDSWIFALAVLLSSTFVYNSIGTINQQAMDQLYYVTELT
HRIRSKSSPDENENEVEDSADFVSFFPDFVWTLRDFSLDLEADGQPLTPDEYLTYSLKLKKGTSQKDETFNLPRLCIRKF
FPKKKCFVFDRPVHRRKLAQLEKLQDEELDPEFVQQVADFCSYIFSNSKTKTLSGGIQVNGPRLESLVLTYVNAISSGDL
PCMENAVL
;
_entity_poly.pdbx_strand_id   A
#
# COMPACT_ATOMS: atom_id res chain seq x y z
N ALA A 13 16.85 -18.64 -0.51
CA ALA A 13 17.60 -18.08 -1.69
C ALA A 13 17.15 -18.75 -2.99
N SER A 14 16.24 -19.71 -2.84
CA SER A 14 15.72 -20.48 -3.97
C SER A 14 15.42 -19.74 -5.29
N GLU A 15 15.10 -20.54 -6.32
CA GLU A 15 14.81 -20.08 -7.68
C GLU A 15 13.36 -19.60 -7.91
N ILE A 16 13.21 -18.27 -8.06
CA ILE A 16 11.92 -17.60 -8.33
C ILE A 16 10.76 -18.49 -7.90
N HIS A 17 10.66 -18.75 -6.60
CA HIS A 17 9.62 -19.64 -6.09
C HIS A 17 8.33 -19.21 -5.40
N MET A 18 7.48 -18.45 -6.08
CA MET A 18 6.17 -18.16 -5.51
C MET A 18 5.23 -17.91 -6.67
N THR A 19 4.64 -18.99 -7.14
CA THR A 19 3.71 -19.00 -8.25
C THR A 19 2.66 -17.93 -8.19
N GLY A 20 1.99 -17.83 -7.05
CA GLY A 20 0.98 -16.83 -6.90
C GLY A 20 0.90 -16.35 -5.48
N PRO A 21 0.03 -15.39 -5.20
CA PRO A 21 -0.15 -14.85 -3.85
C PRO A 21 -0.59 -15.94 -2.87
N MET A 22 -0.66 -15.57 -1.60
CA MET A 22 -1.09 -16.45 -0.54
C MET A 22 -1.49 -15.56 0.62
N CYS A 23 -2.60 -15.90 1.26
CA CYS A 23 -3.06 -15.12 2.40
C CYS A 23 -2.03 -15.17 3.52
N LEU A 24 -1.55 -14.01 3.92
CA LEU A 24 -0.58 -13.94 5.00
C LEU A 24 -1.33 -13.77 6.32
N ILE A 25 -2.38 -12.97 6.29
CA ILE A 25 -3.19 -12.71 7.47
C ILE A 25 -4.65 -12.98 7.15
N GLU A 26 -5.32 -13.77 7.99
CA GLU A 26 -6.72 -14.06 7.75
C GLU A 26 -7.58 -13.08 8.52
N ASN A 27 -8.77 -12.81 7.99
CA ASN A 27 -9.70 -11.88 8.62
C ASN A 27 -11.08 -12.54 8.58
N THR A 28 -11.49 -13.14 9.69
CA THR A 28 -12.77 -13.85 9.76
C THR A 28 -13.96 -13.12 10.40
N ASN A 29 -13.97 -13.06 11.73
CA ASN A 29 -15.06 -12.40 12.46
C ASN A 29 -14.38 -11.47 13.42
N GLY A 30 -13.78 -10.41 12.87
CA GLY A 30 -13.07 -9.46 13.69
C GLY A 30 -11.86 -10.14 14.30
N ARG A 31 -11.39 -11.19 13.63
CA ARG A 31 -10.25 -11.92 14.13
C ARG A 31 -9.17 -12.06 13.06
N LEU A 32 -8.10 -11.28 13.23
CA LEU A 32 -6.98 -11.30 12.29
C LEU A 32 -6.06 -12.42 12.77
N MET A 33 -5.78 -13.37 11.88
CA MET A 33 -4.94 -14.50 12.23
C MET A 33 -3.86 -14.75 11.17
N ALA A 34 -2.62 -14.86 11.63
CA ALA A 34 -1.51 -15.12 10.71
C ALA A 34 -1.70 -16.51 10.15
N ASN A 35 -1.44 -16.67 8.85
CA ASN A 35 -1.57 -17.98 8.22
C ASN A 35 -0.26 -18.75 8.30
N PRO A 36 -0.26 -19.87 9.03
CA PRO A 36 0.91 -20.73 9.22
C PRO A 36 1.67 -21.06 7.93
N GLU A 37 0.92 -21.49 6.93
CA GLU A 37 1.51 -21.86 5.64
C GLU A 37 2.34 -20.76 5.00
N ALA A 38 1.97 -19.51 5.26
CA ALA A 38 2.71 -18.38 4.72
C ALA A 38 3.93 -18.18 5.61
N LEU A 39 3.71 -18.20 6.92
CA LEU A 39 4.80 -18.06 7.88
C LEU A 39 5.84 -19.13 7.66
N LYS A 40 5.40 -20.30 7.25
CA LYS A 40 6.32 -21.38 6.99
C LYS A 40 7.18 -20.94 5.80
N ILE A 41 6.56 -20.23 4.86
CA ILE A 41 7.28 -19.78 3.67
C ILE A 41 8.25 -18.65 3.96
N LEU A 42 7.84 -17.73 4.82
CA LEU A 42 8.71 -16.62 5.17
C LEU A 42 10.01 -17.11 5.81
N SER A 43 9.89 -18.06 6.74
CA SER A 43 11.06 -18.60 7.45
C SER A 43 12.07 -19.24 6.49
N ALA A 44 11.64 -19.51 5.27
CA ALA A 44 12.51 -20.11 4.25
C ALA A 44 13.34 -19.08 3.45
N ILE A 45 12.75 -17.92 3.19
CA ILE A 45 13.43 -16.87 2.42
C ILE A 45 14.41 -16.11 3.32
N THR A 46 15.69 -16.18 2.98
CA THR A 46 16.73 -15.54 3.79
C THR A 46 17.29 -14.27 3.22
N GLN A 47 16.89 -13.95 2.00
CA GLN A 47 17.33 -12.74 1.31
C GLN A 47 16.63 -11.52 1.91
N PRO A 48 17.25 -10.34 1.78
CA PRO A 48 16.70 -9.10 2.29
C PRO A 48 15.42 -8.79 1.53
N MET A 49 14.52 -8.02 2.15
CA MET A 49 13.25 -7.73 1.49
C MET A 49 12.86 -6.28 1.29
N VAL A 50 12.22 -6.03 0.16
CA VAL A 50 11.68 -4.72 -0.19
C VAL A 50 10.16 -4.94 -0.17
N VAL A 51 9.52 -4.60 0.93
CA VAL A 51 8.08 -4.81 1.02
C VAL A 51 7.23 -3.65 0.50
N VAL A 52 6.30 -3.95 -0.38
CA VAL A 52 5.42 -2.90 -0.89
C VAL A 52 3.96 -3.28 -0.71
N ALA A 53 3.25 -2.54 0.13
CA ALA A 53 1.85 -2.80 0.37
C ALA A 53 0.96 -1.65 -0.13
N ILE A 54 -0.22 -2.03 -0.61
CA ILE A 54 -1.19 -1.06 -1.10
C ILE A 54 -2.38 -1.09 -0.14
N VAL A 55 -3.12 -0.01 -0.08
CA VAL A 55 -4.29 0.11 0.77
C VAL A 55 -5.19 1.19 0.19
N GLY A 56 -6.48 1.06 0.45
CA GLY A 56 -7.43 2.04 -0.05
C GLY A 56 -8.81 1.44 -0.06
N LEU A 57 -9.79 2.27 -0.36
CA LEU A 57 -11.17 1.84 -0.44
C LEU A 57 -11.28 0.56 -1.27
N TYR A 58 -12.33 -0.24 -1.03
CA TYR A 58 -12.49 -1.47 -1.81
C TYR A 58 -12.98 -1.17 -3.23
N ARG A 59 -12.63 -2.06 -4.15
CA ARG A 59 -13.06 -1.92 -5.54
C ARG A 59 -12.42 -0.73 -6.22
N THR A 60 -11.14 -0.49 -5.95
CA THR A 60 -10.44 0.64 -6.55
C THR A 60 -9.29 0.19 -7.46
N GLY A 61 -9.28 -1.11 -7.80
CA GLY A 61 -8.24 -1.64 -8.66
C GLY A 61 -6.90 -1.95 -8.02
N LYS A 62 -6.84 -1.98 -6.68
CA LYS A 62 -5.58 -2.26 -5.98
C LYS A 62 -4.84 -3.54 -6.42
N SER A 63 -5.52 -4.68 -6.42
CA SER A 63 -4.89 -5.94 -6.80
C SER A 63 -4.37 -5.91 -8.22
N TYR A 64 -5.17 -5.34 -9.12
CA TYR A 64 -4.79 -5.28 -10.51
C TYR A 64 -3.51 -4.48 -10.68
N LEU A 65 -3.31 -3.46 -9.86
CA LEU A 65 -2.09 -2.68 -9.99
C LEU A 65 -0.94 -3.42 -9.33
N MET A 66 -1.23 -4.13 -8.25
CA MET A 66 -0.19 -4.88 -7.56
C MET A 66 0.41 -5.95 -8.46
N ASN A 67 -0.39 -6.45 -9.40
CA ASN A 67 0.11 -7.48 -10.31
C ASN A 67 1.16 -6.92 -11.24
N LYS A 68 0.92 -5.70 -11.72
CA LYS A 68 1.86 -5.06 -12.63
C LYS A 68 3.26 -5.05 -12.01
N LEU A 69 3.30 -4.89 -10.68
CA LEU A 69 4.57 -4.87 -9.98
C LEU A 69 5.17 -6.27 -9.85
N ALA A 70 4.40 -7.29 -10.23
CA ALA A 70 4.88 -8.67 -10.18
C ALA A 70 5.24 -9.11 -11.59
N GLY A 71 4.88 -8.29 -12.57
CA GLY A 71 5.18 -8.61 -13.97
C GLY A 71 4.39 -9.76 -14.55
N LYS A 72 3.23 -10.04 -13.97
CA LYS A 72 2.38 -11.12 -14.44
C LYS A 72 1.00 -10.55 -14.70
N LYS A 73 0.31 -11.05 -15.72
CA LYS A 73 -1.04 -10.56 -16.00
C LYS A 73 -1.97 -11.17 -14.98
N LYS A 74 -1.61 -12.35 -14.48
CA LYS A 74 -2.38 -13.06 -13.48
C LYS A 74 -1.64 -13.08 -12.15
N GLY A 75 -2.37 -12.99 -11.05
CA GLY A 75 -1.73 -13.03 -9.75
C GLY A 75 -2.72 -12.82 -8.63
N PHE A 76 -2.78 -11.60 -8.13
CA PHE A 76 -3.72 -11.30 -7.06
C PHE A 76 -5.10 -11.33 -7.68
N SER A 77 -5.98 -12.14 -7.09
CA SER A 77 -7.34 -12.31 -7.55
C SER A 77 -8.18 -11.03 -7.54
N LEU A 78 -8.84 -10.77 -8.67
CA LEU A 78 -9.69 -9.60 -8.83
C LEU A 78 -11.15 -10.00 -8.73
N GLY A 79 -12.04 -9.02 -8.67
CA GLY A 79 -13.46 -9.26 -8.58
C GLY A 79 -14.16 -8.11 -9.30
N SER A 80 -15.25 -8.36 -10.01
CA SER A 80 -15.89 -7.28 -10.73
C SER A 80 -17.30 -6.92 -10.33
N THR A 81 -17.64 -7.14 -9.08
CA THR A 81 -18.97 -6.79 -8.63
C THR A 81 -18.89 -5.65 -7.61
N VAL A 82 -20.00 -5.37 -6.95
CA VAL A 82 -20.04 -4.33 -5.93
C VAL A 82 -19.62 -4.93 -4.58
N GLN A 83 -19.29 -6.21 -4.59
CA GLN A 83 -18.91 -6.88 -3.36
C GLN A 83 -17.42 -6.94 -3.12
N SER A 84 -17.04 -6.61 -1.89
CA SER A 84 -15.67 -6.63 -1.45
C SER A 84 -15.02 -7.90 -1.98
N HIS A 85 -13.81 -7.81 -2.51
CA HIS A 85 -13.19 -9.02 -3.02
C HIS A 85 -11.99 -9.56 -2.25
N THR A 86 -10.87 -8.83 -2.22
CA THR A 86 -9.72 -9.35 -1.48
C THR A 86 -9.98 -9.31 0.02
N LYS A 87 -9.81 -10.46 0.68
CA LYS A 87 -10.04 -10.52 2.12
C LYS A 87 -8.72 -10.72 2.88
N GLY A 88 -8.56 -9.98 3.96
CA GLY A 88 -7.33 -10.06 4.73
C GLY A 88 -6.15 -9.46 3.98
N ILE A 89 -4.95 -9.90 4.33
CA ILE A 89 -3.73 -9.42 3.70
C ILE A 89 -3.02 -10.57 2.99
N TRP A 90 -2.69 -10.35 1.72
CA TRP A 90 -2.01 -11.33 0.89
C TRP A 90 -0.57 -10.95 0.62
N MET A 91 0.28 -11.96 0.43
CA MET A 91 1.69 -11.71 0.17
C MET A 91 2.11 -12.43 -1.09
N TRP A 92 3.08 -11.88 -1.78
CA TRP A 92 3.57 -12.52 -2.98
C TRP A 92 5.05 -12.17 -3.03
N CYS A 93 5.90 -13.15 -2.75
CA CYS A 93 7.33 -12.94 -2.76
C CYS A 93 7.87 -13.27 -4.13
N VAL A 94 8.61 -12.34 -4.71
CA VAL A 94 9.16 -12.54 -6.04
C VAL A 94 10.55 -11.92 -6.16
N PRO A 95 11.35 -12.43 -7.10
CA PRO A 95 12.70 -11.89 -7.27
C PRO A 95 12.62 -10.40 -7.58
N HIS A 96 13.54 -9.61 -7.03
CA HIS A 96 13.52 -8.17 -7.28
C HIS A 96 14.08 -7.90 -8.68
N PRO A 97 13.31 -7.22 -9.54
CA PRO A 97 13.74 -6.91 -10.90
C PRO A 97 15.02 -6.07 -11.01
N LYS A 98 15.25 -5.21 -10.02
CA LYS A 98 16.42 -4.33 -10.03
C LYS A 98 17.48 -4.58 -8.97
N LYS A 99 17.15 -5.33 -7.93
CA LYS A 99 18.13 -5.60 -6.86
C LYS A 99 18.43 -7.08 -6.76
N PRO A 100 19.64 -7.51 -7.16
CA PRO A 100 19.98 -8.93 -7.07
C PRO A 100 20.02 -9.40 -5.61
N GLY A 101 19.76 -10.69 -5.41
CA GLY A 101 19.78 -11.22 -4.05
C GLY A 101 18.72 -10.59 -3.18
N HIS A 102 17.84 -9.82 -3.80
CA HIS A 102 16.76 -9.16 -3.07
C HIS A 102 15.44 -9.82 -3.37
N ILE A 103 14.53 -9.72 -2.41
CA ILE A 103 13.20 -10.28 -2.60
C ILE A 103 12.18 -9.17 -2.54
N LEU A 104 11.35 -9.06 -3.58
CA LEU A 104 10.29 -8.06 -3.60
C LEU A 104 9.06 -8.69 -3.00
N VAL A 105 8.66 -8.22 -1.83
CA VAL A 105 7.47 -8.76 -1.17
C VAL A 105 6.28 -7.83 -1.39
N LEU A 106 5.34 -8.28 -2.22
CA LEU A 106 4.16 -7.52 -2.54
C LEU A 106 3.01 -7.89 -1.61
N LEU A 107 2.37 -6.90 -1.03
CA LEU A 107 1.26 -7.13 -0.12
C LEU A 107 -0.02 -6.50 -0.63
N ASP A 108 -1.04 -7.34 -0.83
CA ASP A 108 -2.35 -6.89 -1.28
C ASP A 108 -3.29 -6.94 -0.08
N THR A 109 -3.99 -5.85 0.20
CA THR A 109 -4.90 -5.83 1.34
C THR A 109 -6.37 -5.75 1.01
N GLU A 110 -7.17 -6.12 1.99
CA GLU A 110 -8.62 -6.09 1.91
C GLU A 110 -9.10 -4.64 1.77
N GLY A 111 -9.88 -4.35 0.74
CA GLY A 111 -10.38 -3.00 0.56
C GLY A 111 -11.09 -2.40 1.76
N LEU A 112 -11.08 -1.07 1.85
CA LEU A 112 -11.71 -0.35 2.95
C LEU A 112 -13.12 0.04 2.58
N GLY A 113 -13.91 0.38 3.61
CA GLY A 113 -15.27 0.83 3.43
C GLY A 113 -16.36 -0.11 2.94
N ASP A 114 -16.10 -1.42 2.90
CA ASP A 114 -17.11 -2.35 2.44
C ASP A 114 -18.37 -2.24 3.32
N VAL A 115 -19.48 -1.84 2.70
CA VAL A 115 -20.75 -1.66 3.41
C VAL A 115 -21.42 -2.94 3.84
N GLU A 116 -20.80 -4.08 3.55
CA GLU A 116 -21.39 -5.33 3.98
C GLU A 116 -20.74 -5.71 5.31
N LYS A 117 -19.48 -5.33 5.46
CA LYS A 117 -18.77 -5.62 6.69
C LYS A 117 -19.03 -4.52 7.70
N GLY A 118 -19.07 -3.28 7.21
CA GLY A 118 -19.30 -2.13 8.07
C GLY A 118 -18.53 -2.21 9.37
N ASP A 119 -17.20 -2.30 9.28
CA ASP A 119 -16.36 -2.42 10.46
C ASP A 119 -15.17 -1.46 10.42
N ASN A 120 -15.40 -0.19 10.73
CA ASN A 120 -14.33 0.79 10.71
C ASN A 120 -13.10 0.32 11.48
N GLN A 121 -13.34 -0.19 12.69
CA GLN A 121 -12.27 -0.68 13.53
C GLN A 121 -11.45 -1.76 12.82
N ASN A 122 -12.14 -2.77 12.27
CA ASN A 122 -11.45 -3.85 11.56
C ASN A 122 -10.62 -3.31 10.40
N ASP A 123 -11.11 -2.27 9.76
CA ASP A 123 -10.37 -1.66 8.66
C ASP A 123 -9.12 -1.04 9.22
N SER A 124 -9.25 -0.29 10.30
CA SER A 124 -8.11 0.35 10.94
C SER A 124 -6.96 -0.62 11.16
N TRP A 125 -7.29 -1.86 11.53
CA TRP A 125 -6.25 -2.85 11.77
C TRP A 125 -5.48 -3.24 10.51
N ILE A 126 -6.20 -3.67 9.47
CA ILE A 126 -5.56 -4.08 8.24
C ILE A 126 -4.68 -2.95 7.70
N PHE A 127 -5.26 -1.74 7.70
CA PHE A 127 -4.60 -0.53 7.23
C PHE A 127 -3.30 -0.37 8.00
N ALA A 128 -3.38 -0.42 9.33
CA ALA A 128 -2.22 -0.28 10.20
C ALA A 128 -1.16 -1.36 9.96
N LEU A 129 -1.59 -2.62 9.89
CA LEU A 129 -0.65 -3.70 9.64
C LEU A 129 0.14 -3.47 8.35
N ALA A 130 -0.57 -3.02 7.31
CA ALA A 130 0.05 -2.77 6.02
C ALA A 130 1.19 -1.77 6.14
N VAL A 131 0.95 -0.68 6.85
CA VAL A 131 1.97 0.34 7.04
C VAL A 131 3.15 -0.19 7.86
N LEU A 132 2.84 -1.02 8.86
CA LEU A 132 3.84 -1.62 9.74
C LEU A 132 4.75 -2.61 9.03
N LEU A 133 4.22 -3.30 8.02
CA LEU A 133 5.01 -4.29 7.32
C LEU A 133 5.69 -3.81 6.05
N SER A 134 5.30 -2.63 5.57
CA SER A 134 5.87 -2.10 4.34
C SER A 134 7.12 -1.27 4.52
N SER A 135 7.84 -1.08 3.42
CA SER A 135 9.04 -0.27 3.39
C SER A 135 8.63 0.83 2.41
N THR A 136 7.59 0.53 1.65
CA THR A 136 6.97 1.48 0.71
C THR A 136 5.47 1.24 0.84
N PHE A 137 4.75 2.26 1.28
CA PHE A 137 3.31 2.14 1.47
C PHE A 137 2.53 2.82 0.38
N VAL A 138 1.67 2.08 -0.30
CA VAL A 138 0.91 2.68 -1.38
C VAL A 138 -0.57 2.90 -1.03
N TYR A 139 -0.97 4.16 -1.02
CA TYR A 139 -2.35 4.57 -0.71
C TYR A 139 -3.07 4.81 -2.06
N ASN A 140 -4.03 3.95 -2.37
CA ASN A 140 -4.77 4.01 -3.64
C ASN A 140 -6.17 4.60 -3.55
N SER A 141 -6.48 5.62 -4.35
CA SER A 141 -7.83 6.17 -4.32
C SER A 141 -8.29 6.60 -5.69
N ILE A 142 -9.59 6.84 -5.83
CA ILE A 142 -10.13 7.24 -7.11
C ILE A 142 -10.31 8.73 -7.28
N GLY A 143 -9.95 9.21 -8.46
CA GLY A 143 -10.11 10.61 -8.78
C GLY A 143 -9.22 11.63 -8.11
N THR A 144 -9.42 11.83 -6.82
CA THR A 144 -8.63 12.83 -6.12
C THR A 144 -8.25 12.48 -4.69
N ILE A 145 -7.46 13.38 -4.10
CA ILE A 145 -7.02 13.27 -2.73
C ILE A 145 -8.15 13.91 -1.92
N ASN A 146 -8.69 13.18 -0.94
CA ASN A 146 -9.76 13.73 -0.12
C ASN A 146 -9.26 13.99 1.26
N GLN A 147 -9.99 14.85 1.95
CA GLN A 147 -9.66 15.18 3.31
C GLN A 147 -9.92 13.95 4.15
N GLN A 148 -11.03 13.27 3.88
CA GLN A 148 -11.42 12.08 4.62
C GLN A 148 -10.30 11.05 4.49
N ALA A 149 -9.81 10.88 3.28
CA ALA A 149 -8.74 9.93 3.05
C ALA A 149 -7.52 10.39 3.86
N MET A 150 -7.21 11.67 3.77
CA MET A 150 -6.07 12.24 4.46
C MET A 150 -6.22 12.19 5.97
N ASP A 151 -7.45 12.08 6.47
CA ASP A 151 -7.66 12.00 7.91
C ASP A 151 -7.47 10.56 8.32
N GLN A 152 -8.01 9.64 7.54
CA GLN A 152 -7.86 8.24 7.87
C GLN A 152 -6.38 7.93 7.94
N LEU A 153 -5.63 8.46 6.99
CA LEU A 153 -4.21 8.22 6.98
C LEU A 153 -3.61 8.62 8.33
N TYR A 154 -3.75 9.91 8.68
CA TYR A 154 -3.25 10.43 9.94
C TYR A 154 -3.60 9.56 11.15
N TYR A 155 -4.87 9.20 11.28
CA TYR A 155 -5.34 8.36 12.38
C TYR A 155 -4.54 7.07 12.52
N VAL A 156 -4.45 6.34 11.42
CA VAL A 156 -3.73 5.08 11.38
C VAL A 156 -2.25 5.28 11.66
N THR A 157 -1.70 6.41 11.23
CA THR A 157 -0.30 6.71 11.49
C THR A 157 -0.11 6.70 13.01
N GLU A 158 -1.01 7.39 13.71
CA GLU A 158 -0.96 7.44 15.16
C GLU A 158 -1.23 6.04 15.68
N LEU A 159 -2.32 5.43 15.23
CA LEU A 159 -2.62 4.08 15.70
C LEU A 159 -1.43 3.16 15.50
N THR A 160 -0.58 3.50 14.53
CA THR A 160 0.59 2.69 14.26
C THR A 160 1.61 2.82 15.39
N HIS A 161 1.69 4.02 15.95
CA HIS A 161 2.60 4.27 17.05
C HIS A 161 2.15 3.45 18.25
N ARG A 162 0.88 3.57 18.62
CA ARG A 162 0.35 2.82 19.75
C ARG A 162 0.74 1.35 19.70
N ILE A 163 0.52 0.73 18.53
CA ILE A 163 0.82 -0.68 18.31
C ILE A 163 2.30 -1.02 18.49
N ARG A 164 3.16 -0.18 17.94
CA ARG A 164 4.58 -0.41 18.06
C ARG A 164 4.89 -0.49 19.55
N SER A 165 4.41 0.49 20.30
CA SER A 165 4.62 0.56 21.75
C SER A 165 4.36 -0.77 22.45
N LYS A 166 3.20 -1.36 22.20
CA LYS A 166 2.86 -2.65 22.79
C LYS A 166 3.72 -3.76 22.13
N SER A 167 4.98 -3.43 21.84
CA SER A 167 5.90 -4.37 21.22
C SER A 167 7.35 -4.08 21.64
N ASP A 181 17.66 10.06 16.21
CA ASP A 181 16.86 9.62 15.08
C ASP A 181 17.75 9.41 13.84
N PHE A 182 18.79 8.58 14.02
CA PHE A 182 19.75 8.29 12.95
C PHE A 182 19.21 7.42 11.81
N VAL A 183 18.57 8.09 10.84
CA VAL A 183 17.98 7.45 9.67
C VAL A 183 16.91 6.40 10.03
N SER A 184 15.68 6.87 10.08
CA SER A 184 14.50 6.08 10.40
C SER A 184 14.35 4.69 9.75
N PHE A 185 13.16 4.13 9.95
CA PHE A 185 12.77 2.82 9.42
C PHE A 185 11.27 2.87 9.12
N PHE A 186 10.74 4.08 8.94
CA PHE A 186 9.34 4.27 8.61
C PHE A 186 9.24 4.12 7.09
N PRO A 187 8.10 3.64 6.58
CA PRO A 187 7.92 3.45 5.14
C PRO A 187 7.84 4.71 4.28
N ASP A 188 8.33 4.60 3.06
CA ASP A 188 8.24 5.71 2.13
C ASP A 188 6.80 5.67 1.66
N PHE A 189 6.32 6.78 1.10
CA PHE A 189 4.92 6.86 0.71
C PHE A 189 4.64 7.20 -0.74
N VAL A 190 3.61 6.54 -1.28
CA VAL A 190 3.18 6.80 -2.64
C VAL A 190 1.68 6.81 -2.68
N TRP A 191 1.11 7.87 -3.25
CA TRP A 191 -0.33 7.99 -3.38
C TRP A 191 -0.71 7.78 -4.83
N THR A 192 -1.54 6.79 -5.10
CA THR A 192 -1.96 6.55 -6.47
C THR A 192 -3.39 7.01 -6.76
N LEU A 193 -3.53 7.78 -7.83
CA LEU A 193 -4.82 8.29 -8.25
C LEU A 193 -5.31 7.55 -9.49
N ARG A 194 -6.43 6.86 -9.35
CA ARG A 194 -7.02 6.04 -10.39
C ARG A 194 -8.16 6.69 -11.16
N ASP A 195 -8.34 6.23 -12.41
CA ASP A 195 -9.38 6.73 -13.30
C ASP A 195 -9.41 8.22 -13.23
N PHE A 196 -8.22 8.79 -13.12
CA PHE A 196 -8.06 10.23 -13.04
C PHE A 196 -8.79 10.81 -14.24
N SER A 197 -9.41 11.97 -14.08
CA SER A 197 -10.11 12.54 -15.22
C SER A 197 -10.18 14.06 -15.22
N LEU A 198 -9.45 14.69 -14.31
CA LEU A 198 -9.44 16.15 -14.20
C LEU A 198 -8.14 16.75 -14.70
N ASP A 199 -8.19 18.03 -15.06
CA ASP A 199 -7.03 18.76 -15.56
C ASP A 199 -5.74 18.67 -14.76
N LEU A 200 -5.82 18.77 -13.44
CA LEU A 200 -4.60 18.68 -12.65
C LEU A 200 -3.81 19.97 -12.74
N GLU A 201 -4.33 21.00 -12.08
CA GLU A 201 -3.73 22.31 -12.06
C GLU A 201 -4.43 23.10 -10.96
N ALA A 202 -3.67 23.87 -10.18
CA ALA A 202 -4.25 24.64 -9.12
C ALA A 202 -3.81 26.10 -9.20
N ASP A 203 -4.72 27.01 -8.86
CA ASP A 203 -4.44 28.43 -8.89
C ASP A 203 -3.81 28.80 -10.23
N GLY A 204 -4.55 28.55 -11.30
CA GLY A 204 -4.12 28.87 -12.64
C GLY A 204 -2.76 28.38 -13.06
N GLN A 205 -2.02 27.77 -12.15
CA GLN A 205 -0.67 27.31 -12.46
C GLN A 205 -0.46 25.79 -12.38
N PRO A 206 -0.16 25.15 -13.53
CA PRO A 206 0.09 23.72 -13.75
C PRO A 206 0.73 22.95 -12.60
N LEU A 207 0.31 21.70 -12.49
CA LEU A 207 0.75 20.79 -11.45
C LEU A 207 1.14 19.42 -11.97
N THR A 208 2.09 18.80 -11.28
CA THR A 208 2.53 17.45 -11.59
C THR A 208 2.08 16.66 -10.38
N PRO A 209 1.76 15.37 -10.56
CA PRO A 209 1.31 14.52 -9.46
C PRO A 209 1.97 14.89 -8.14
N ASP A 210 3.31 14.82 -8.12
CA ASP A 210 4.08 15.13 -6.93
C ASP A 210 3.78 16.50 -6.35
N GLU A 211 3.56 17.49 -7.20
CA GLU A 211 3.28 18.83 -6.71
C GLU A 211 1.88 18.87 -6.11
N TYR A 212 0.95 18.21 -6.80
CA TYR A 212 -0.43 18.11 -6.36
C TYR A 212 -0.47 17.50 -4.96
N LEU A 213 0.32 16.46 -4.74
CA LEU A 213 0.35 15.83 -3.44
C LEU A 213 0.98 16.78 -2.42
N THR A 214 1.93 17.60 -2.86
CA THR A 214 2.57 18.56 -1.94
C THR A 214 1.58 19.64 -1.59
N TYR A 215 0.84 20.06 -2.61
CA TYR A 215 -0.18 21.09 -2.50
C TYR A 215 -1.22 20.73 -1.45
N SER A 216 -1.58 19.44 -1.40
CA SER A 216 -2.58 18.98 -0.45
C SER A 216 -2.01 18.88 0.96
N LEU A 217 -0.71 18.65 1.07
CA LEU A 217 -0.07 18.54 2.37
C LEU A 217 0.47 19.88 2.84
N LYS A 218 0.31 20.90 1.99
CA LYS A 218 0.78 22.24 2.28
C LYS A 218 0.25 22.75 3.63
N LEU A 219 1.17 23.14 4.51
CA LEU A 219 0.83 23.64 5.84
C LEU A 219 0.23 25.06 5.80
N LYS A 220 -0.52 25.40 6.86
CA LYS A 220 -1.15 26.71 6.98
C LYS A 220 -0.15 27.73 7.55
N LYS A 221 0.25 28.69 6.72
CA LYS A 221 1.21 29.72 7.11
C LYS A 221 0.94 30.46 8.41
N GLY A 222 -0.29 30.38 8.93
CA GLY A 222 -0.61 31.07 10.16
C GLY A 222 -0.79 30.20 11.40
N THR A 223 -1.56 30.74 12.36
CA THR A 223 -1.86 30.07 13.62
C THR A 223 -3.31 30.37 13.96
N SER A 224 -3.90 29.53 14.80
CA SER A 224 -5.28 29.67 15.27
C SER A 224 -5.60 28.32 15.87
N GLN A 225 -6.60 28.29 16.75
CA GLN A 225 -7.02 27.05 17.38
C GLN A 225 -7.22 26.02 16.26
N LYS A 226 -7.89 26.46 15.20
CA LYS A 226 -8.18 25.61 14.04
C LYS A 226 -7.18 25.80 12.90
N ASP A 227 -6.66 27.01 12.76
CA ASP A 227 -5.69 27.29 11.70
C ASP A 227 -4.52 26.36 11.92
N GLU A 228 -4.61 25.57 12.98
CA GLU A 228 -3.59 24.61 13.33
C GLU A 228 -4.14 23.20 13.35
N THR A 229 -5.40 23.03 13.76
CA THR A 229 -5.98 21.70 13.76
C THR A 229 -5.99 21.25 12.29
N PHE A 230 -5.83 22.22 11.39
CA PHE A 230 -5.79 21.97 9.96
C PHE A 230 -4.51 21.22 9.58
N ASN A 231 -3.37 21.90 9.66
CA ASN A 231 -2.11 21.26 9.28
C ASN A 231 -1.58 20.23 10.27
N LEU A 232 -2.33 19.99 11.34
CA LEU A 232 -1.92 19.01 12.32
C LEU A 232 -1.60 17.65 11.69
N PRO A 233 -2.52 17.11 10.88
CA PRO A 233 -2.30 15.82 10.23
C PRO A 233 -1.23 15.94 9.15
N ARG A 234 -1.23 17.07 8.47
CA ARG A 234 -0.26 17.33 7.41
C ARG A 234 1.14 17.34 7.96
N LEU A 235 1.26 17.54 9.27
CA LEU A 235 2.57 17.55 9.93
C LEU A 235 3.01 16.11 10.12
N CYS A 236 2.17 15.37 10.85
CA CYS A 236 2.44 13.98 11.14
C CYS A 236 2.64 13.15 9.89
N ILE A 237 1.83 13.41 8.87
CA ILE A 237 1.93 12.66 7.63
C ILE A 237 3.27 12.90 6.94
N ARG A 238 3.67 14.16 6.84
CA ARG A 238 4.94 14.48 6.18
C ARG A 238 6.11 14.06 7.07
N LYS A 239 5.87 13.99 8.37
CA LYS A 239 6.91 13.57 9.30
C LYS A 239 7.06 12.06 9.29
N PHE A 240 5.94 11.35 9.37
CA PHE A 240 5.93 9.90 9.41
C PHE A 240 6.52 9.24 8.14
N PHE A 241 6.09 9.71 6.97
CA PHE A 241 6.58 9.12 5.74
C PHE A 241 7.79 9.85 5.17
N PRO A 242 8.99 9.27 5.34
CA PRO A 242 10.26 9.81 4.87
C PRO A 242 10.16 10.42 3.47
N LYS A 243 9.91 9.58 2.48
CA LYS A 243 9.82 10.07 1.11
C LYS A 243 8.38 9.97 0.61
N LYS A 244 7.98 10.92 -0.23
CA LYS A 244 6.63 10.94 -0.78
C LYS A 244 6.69 10.88 -2.28
N LYS A 245 5.59 10.48 -2.89
CA LYS A 245 5.52 10.38 -4.34
C LYS A 245 4.06 10.20 -4.70
N CYS A 246 3.68 10.66 -5.89
CA CYS A 246 2.30 10.51 -6.33
C CYS A 246 2.27 10.13 -7.81
N PHE A 247 1.34 9.26 -8.17
CA PHE A 247 1.20 8.85 -9.56
C PHE A 247 -0.26 8.86 -9.95
N VAL A 248 -0.51 9.36 -11.15
CA VAL A 248 -1.86 9.42 -11.65
C VAL A 248 -2.06 8.29 -12.65
N PHE A 249 -3.26 7.75 -12.70
CA PHE A 249 -3.58 6.67 -13.62
C PHE A 249 -4.94 6.89 -14.27
N ASP A 250 -4.97 6.88 -15.60
CA ASP A 250 -6.22 7.03 -16.34
C ASP A 250 -6.98 5.70 -16.25
N ARG A 251 -8.29 5.73 -16.46
CA ARG A 251 -9.07 4.50 -16.41
C ARG A 251 -8.48 3.53 -17.44
N PRO A 252 -7.98 2.36 -17.01
CA PRO A 252 -7.35 1.34 -17.85
C PRO A 252 -7.96 1.29 -19.25
N VAL A 253 -8.76 0.26 -19.49
CA VAL A 253 -9.45 0.08 -20.75
C VAL A 253 -10.68 0.93 -20.46
N HIS A 254 -11.83 0.50 -20.96
CA HIS A 254 -13.03 1.25 -20.68
C HIS A 254 -14.15 0.37 -20.32
N ARG A 255 -15.21 1.01 -19.79
CA ARG A 255 -16.44 0.36 -19.39
C ARG A 255 -16.70 -0.77 -20.36
N ARG A 256 -17.18 -1.90 -19.87
CA ARG A 256 -17.48 -3.09 -20.65
C ARG A 256 -16.31 -4.03 -20.80
N LYS A 257 -15.09 -3.49 -20.78
CA LYS A 257 -13.94 -4.34 -20.85
C LYS A 257 -13.32 -4.44 -19.45
N LEU A 258 -13.64 -3.49 -18.57
CA LEU A 258 -13.10 -3.48 -17.21
C LEU A 258 -13.20 -4.77 -16.39
N ALA A 259 -14.23 -5.58 -16.61
CA ALA A 259 -14.38 -6.82 -15.85
C ALA A 259 -13.50 -7.95 -16.36
N GLN A 260 -12.74 -7.68 -17.42
CA GLN A 260 -11.86 -8.69 -18.02
C GLN A 260 -10.44 -8.14 -18.22
N LEU A 261 -10.11 -7.10 -17.47
CA LEU A 261 -8.81 -6.42 -17.54
C LEU A 261 -7.54 -7.26 -17.58
N GLU A 262 -7.53 -8.39 -16.91
CA GLU A 262 -6.33 -9.21 -16.90
C GLU A 262 -6.07 -10.00 -18.18
N LYS A 263 -7.14 -10.33 -18.89
CA LYS A 263 -6.98 -11.08 -20.13
C LYS A 263 -6.49 -10.13 -21.22
N LEU A 264 -7.10 -8.96 -21.30
CA LEU A 264 -6.71 -7.99 -22.30
C LEU A 264 -5.22 -7.71 -22.13
N GLN A 265 -4.52 -7.47 -23.24
CA GLN A 265 -3.11 -7.16 -23.16
C GLN A 265 -2.95 -5.68 -23.48
N ASP A 266 -1.78 -5.14 -23.18
CA ASP A 266 -1.52 -3.71 -23.38
C ASP A 266 -2.06 -3.12 -24.68
N GLU A 267 -2.33 -3.99 -25.65
CA GLU A 267 -2.87 -3.60 -26.95
C GLU A 267 -4.20 -2.86 -26.78
N GLU A 268 -5.16 -3.60 -26.26
CA GLU A 268 -6.52 -3.12 -26.03
C GLU A 268 -6.62 -2.02 -24.96
N LEU A 269 -5.56 -1.85 -24.19
CA LEU A 269 -5.58 -0.84 -23.13
C LEU A 269 -5.23 0.57 -23.60
N ASP A 270 -5.70 1.57 -22.84
CA ASP A 270 -5.42 2.95 -23.16
C ASP A 270 -3.92 3.17 -22.95
N PRO A 271 -3.21 3.56 -24.02
CA PRO A 271 -1.75 3.80 -23.98
C PRO A 271 -1.31 4.58 -22.74
N GLU A 272 -1.94 5.73 -22.53
CA GLU A 272 -1.67 6.62 -21.40
C GLU A 272 -1.50 5.84 -20.10
N PHE A 273 -2.42 4.90 -19.87
CA PHE A 273 -2.40 4.07 -18.69
C PHE A 273 -1.15 3.21 -18.67
N VAL A 274 -0.95 2.47 -19.76
CA VAL A 274 0.21 1.58 -19.90
C VAL A 274 1.49 2.32 -19.53
N GLN A 275 1.58 3.57 -19.96
CA GLN A 275 2.73 4.40 -19.68
C GLN A 275 2.76 4.73 -18.18
N GLN A 276 1.61 5.13 -17.66
CA GLN A 276 1.49 5.47 -16.25
C GLN A 276 1.90 4.28 -15.38
N VAL A 277 1.44 3.09 -15.74
CA VAL A 277 1.79 1.90 -14.98
C VAL A 277 3.30 1.64 -15.08
N ALA A 278 3.84 1.83 -16.27
CA ALA A 278 5.26 1.61 -16.48
C ALA A 278 6.07 2.50 -15.56
N ASP A 279 5.79 3.80 -15.60
CA ASP A 279 6.51 4.79 -14.80
C ASP A 279 6.38 4.58 -13.31
N PHE A 280 5.29 3.95 -12.90
CA PHE A 280 5.05 3.66 -11.50
C PHE A 280 5.92 2.48 -11.10
N CYS A 281 5.89 1.42 -11.89
CA CYS A 281 6.68 0.24 -11.60
C CYS A 281 8.15 0.58 -11.57
N SER A 282 8.57 1.46 -12.45
CA SER A 282 9.98 1.84 -12.51
C SER A 282 10.35 2.58 -11.26
N TYR A 283 9.48 3.49 -10.85
CA TYR A 283 9.73 4.22 -9.63
C TYR A 283 9.90 3.21 -8.51
N ILE A 284 8.93 2.32 -8.32
CA ILE A 284 9.00 1.34 -7.25
C ILE A 284 10.23 0.43 -7.32
N PHE A 285 10.49 -0.12 -8.49
CA PHE A 285 11.64 -1.03 -8.65
C PHE A 285 12.98 -0.38 -8.40
N SER A 286 13.05 0.93 -8.48
CA SER A 286 14.32 1.59 -8.29
C SER A 286 14.46 2.46 -7.05
N ASN A 287 13.37 2.71 -6.34
CA ASN A 287 13.47 3.56 -5.16
C ASN A 287 13.00 2.92 -3.87
N SER A 288 12.23 1.86 -3.96
CA SER A 288 11.75 1.22 -2.75
C SER A 288 12.95 0.64 -2.00
N LYS A 289 13.09 1.06 -0.75
CA LYS A 289 14.19 0.64 0.09
C LYS A 289 13.93 -0.70 0.71
N THR A 290 14.99 -1.28 1.27
CA THR A 290 14.88 -2.56 1.94
C THR A 290 14.23 -2.32 3.30
N LYS A 291 13.40 -3.27 3.73
CA LYS A 291 12.72 -3.15 5.02
C LYS A 291 13.74 -3.30 6.15
N THR A 292 13.77 -2.34 7.07
CA THR A 292 14.69 -2.41 8.18
C THR A 292 13.98 -2.20 9.50
N LEU A 293 14.41 -2.94 10.51
CA LEU A 293 13.85 -2.86 11.84
C LEU A 293 14.51 -1.71 12.57
N SER A 294 13.84 -1.18 13.59
CA SER A 294 14.43 -0.08 14.34
C SER A 294 15.70 -0.67 14.94
N GLY A 295 16.83 -0.21 14.43
CA GLY A 295 18.12 -0.68 14.89
C GLY A 295 19.03 -0.76 13.70
N GLY A 296 18.45 -0.65 12.51
CA GLY A 296 19.22 -0.69 11.28
C GLY A 296 19.19 -2.03 10.59
N ILE A 297 18.91 -3.09 11.35
CA ILE A 297 18.87 -4.45 10.82
C ILE A 297 17.91 -4.59 9.64
N GLN A 298 18.41 -5.15 8.54
CA GLN A 298 17.59 -5.36 7.36
C GLN A 298 16.65 -6.54 7.56
N VAL A 299 15.40 -6.39 7.14
CA VAL A 299 14.39 -7.43 7.28
C VAL A 299 14.45 -8.51 6.19
N ASN A 300 14.37 -9.76 6.61
CA ASN A 300 14.37 -10.88 5.67
C ASN A 300 13.21 -11.81 6.01
N GLY A 301 13.06 -12.89 5.27
CA GLY A 301 11.97 -13.81 5.52
C GLY A 301 11.65 -14.08 6.99
N PRO A 302 12.60 -14.63 7.76
CA PRO A 302 12.41 -14.93 9.18
C PRO A 302 12.05 -13.72 10.04
N ARG A 303 12.76 -12.61 9.83
CA ARG A 303 12.50 -11.40 10.61
C ARG A 303 11.11 -10.84 10.29
N LEU A 304 10.67 -11.00 9.06
CA LEU A 304 9.34 -10.53 8.66
C LEU A 304 8.28 -11.41 9.31
N GLU A 305 8.48 -12.73 9.25
CA GLU A 305 7.58 -13.69 9.86
C GLU A 305 7.38 -13.32 11.32
N SER A 306 8.41 -12.76 11.93
CA SER A 306 8.37 -12.37 13.32
C SER A 306 7.52 -11.13 13.52
N LEU A 307 7.77 -10.11 12.70
CA LEU A 307 7.00 -8.88 12.77
C LEU A 307 5.52 -9.13 12.74
N VAL A 308 5.09 -9.95 11.78
CA VAL A 308 3.68 -10.28 11.65
C VAL A 308 3.14 -10.73 13.00
N LEU A 309 3.63 -11.87 13.47
CA LEU A 309 3.21 -12.42 14.76
C LEU A 309 3.21 -11.37 15.87
N THR A 310 4.27 -10.60 15.95
CA THR A 310 4.35 -9.59 16.97
C THR A 310 3.20 -8.62 16.88
N TYR A 311 2.86 -8.24 15.66
CA TYR A 311 1.78 -7.29 15.45
C TYR A 311 0.39 -7.89 15.50
N VAL A 312 0.19 -9.02 14.83
CA VAL A 312 -1.12 -9.63 14.88
C VAL A 312 -1.45 -9.84 16.36
N ASN A 313 -0.55 -10.52 17.07
CA ASN A 313 -0.74 -10.77 18.49
C ASN A 313 -0.76 -9.47 19.30
N ALA A 314 -0.05 -8.46 18.79
CA ALA A 314 -0.04 -7.17 19.47
C ALA A 314 -1.47 -6.66 19.36
N ILE A 315 -2.02 -6.75 18.15
CA ILE A 315 -3.41 -6.33 17.90
C ILE A 315 -4.19 -7.45 18.59
N SER A 316 -5.51 -7.34 18.63
CA SER A 316 -6.31 -8.35 19.33
C SER A 316 -5.82 -8.32 20.78
N SER A 317 -6.30 -9.23 21.63
CA SER A 317 -5.87 -9.24 23.05
C SER A 317 -5.88 -7.83 23.67
N GLY A 318 -4.92 -7.55 24.55
CA GLY A 318 -4.85 -6.26 25.22
C GLY A 318 -5.01 -5.03 24.35
N ASP A 319 -6.08 -4.28 24.59
CA ASP A 319 -6.42 -3.06 23.83
C ASP A 319 -5.30 -2.57 22.93
#